data_2EUF
#
_entry.id   2EUF
#
_cell.length_a   71.146
_cell.length_b   71.146
_cell.length_c   446.876
_cell.angle_alpha   90.00
_cell.angle_beta   90.00
_cell.angle_gamma   120.00
#
_symmetry.space_group_name_H-M   'P 65 2 2'
#
loop_
_entity.id
_entity.type
_entity.pdbx_description
1 polymer 'viral Cyclin'
2 polymer 'Cell division protein kinase 6'
3 non-polymer 'CALCIUM ION'
4 non-polymer 'ACETATE ION'
5 non-polymer 6-ACETYL-8-CYCLOPENTYL-5-METHYL-2-[(5-PIPERAZIN-1-YLPYRIDIN-2-YL)AMINO]PYRIDO[2,3-D]PYRIMIDIN-7(8H)-ONE
6 non-polymer 'DIMETHYL SULFOXIDE'
7 water water
#
loop_
_entity_poly.entity_id
_entity_poly.type
_entity_poly.pdbx_seq_one_letter_code
_entity_poly.pdbx_strand_id
1 'polypeptide(L)'
;MADSPNRLNRAKIDSTTMKDPRVLNNLKLRELLLPKFTSLWEIQTEVTVDNRTILLTWMHLLCESFELDKSVFPLSVSIL
DRYLCKKQGTKKTLQKIGAACVLIGSKIRTVKPMTVSKLTYLSCDCFTNLELINQEKDILEALKWDTEAVLATDFLIPLC
NALKIPEDLWPQLYEAASTTICKALIQPNIALLSPGLICAGGLLTTIETDNTNCRPWTCYLEDLSSILNFSTNTVRTVKD
QVSEAFSLYDLEIL
;
A
2 'polypeptide(L)'
;MEKDGLCRADQQYECVAEIGEGAYGKVFKARDLKNGGRFVALKRVRVQTGEEGMPLSTIREVAVLRHLETFEHPNVVRLF
DVCTVSRTDRETKLTLVFEHVDQDLTTYLDKVPEPGVPTETIKDMMFQLLRGLDFLHSHRVVHRDLKPQNILVTSSGQIK
LADFGLARIYSFQMALTSVVVTLWYRAPEVLLQSSYATPVDLWSVGCIFAEMFRRKPLFRGSSDVDQLGKILDVIGLPGE
EDWPRDVALPRQAFHSKSAQPIEKFVTDIDELGKDLLLKCLTFNPAKRISAYSALSHPYFQDLERCKE
;
B
#
# COMPACT_ATOMS: atom_id res chain seq x y z
N LEU A 8 -6.36 16.44 -0.40
CA LEU A 8 -6.43 17.47 -1.51
C LEU A 8 -5.40 17.24 -2.65
N ASN A 9 -4.16 16.88 -2.32
CA ASN A 9 -3.17 16.47 -3.33
C ASN A 9 -3.55 15.14 -3.99
N ARG A 10 -3.18 14.94 -5.26
CA ARG A 10 -3.44 13.62 -5.89
C ARG A 10 -2.19 12.93 -6.40
N ALA A 11 -2.23 11.61 -6.45
CA ALA A 11 -1.12 10.82 -6.91
C ALA A 11 -0.86 11.07 -8.38
N LYS A 12 0.30 11.64 -8.68
CA LYS A 12 0.68 11.91 -10.05
C LYS A 12 1.42 10.67 -10.63
N ILE A 13 1.88 10.70 -11.88
CA ILE A 13 2.59 9.54 -12.48
C ILE A 13 3.90 9.24 -11.76
N ASP A 14 4.15 7.96 -11.53
CA ASP A 14 5.34 7.53 -10.86
C ASP A 14 5.89 6.37 -11.67
N SER A 15 7.00 6.60 -12.34
CA SER A 15 7.50 5.63 -13.29
C SER A 15 7.78 4.33 -12.56
N THR A 16 8.29 4.43 -11.34
CA THR A 16 8.64 3.22 -10.60
C THR A 16 7.46 2.28 -10.52
N THR A 17 6.32 2.83 -10.14
CA THR A 17 5.10 2.09 -9.80
C THR A 17 4.28 1.84 -11.05
N MET A 18 4.54 2.59 -12.11
CA MET A 18 3.66 2.55 -13.27
C MET A 18 4.29 2.03 -14.59
N LYS A 19 5.56 2.26 -14.81
CA LYS A 19 6.12 1.89 -16.10
C LYS A 19 7.03 0.67 -15.99
N ASP A 20 7.33 0.25 -14.75
CA ASP A 20 8.14 -0.95 -14.52
C ASP A 20 7.36 -2.19 -14.99
N PRO A 21 7.88 -2.91 -15.99
CA PRO A 21 7.19 -4.06 -16.51
C PRO A 21 6.92 -5.05 -15.40
N ARG A 22 7.84 -5.15 -14.44
CA ARG A 22 7.66 -6.17 -13.40
C ARG A 22 6.55 -5.84 -12.41
N VAL A 23 6.18 -4.57 -12.37
CA VAL A 23 4.94 -4.25 -11.69
C VAL A 23 3.80 -5.05 -12.33
N LEU A 24 3.65 -4.99 -13.66
CA LEU A 24 2.53 -5.66 -14.33
C LEU A 24 2.59 -7.13 -14.02
N ASN A 25 3.83 -7.58 -14.02
CA ASN A 25 4.20 -8.94 -13.80
C ASN A 25 3.71 -9.44 -12.43
N ASN A 26 3.81 -8.60 -11.40
CA ASN A 26 3.43 -8.99 -10.04
C ASN A 26 1.95 -8.90 -9.78
N LEU A 27 1.26 -8.00 -10.48
CA LEU A 27 -0.19 -7.93 -10.36
C LEU A 27 -0.82 -9.26 -10.78
N LYS A 28 -0.37 -9.74 -11.94
CA LYS A 28 -0.76 -11.00 -12.50
C LYS A 28 -0.45 -12.12 -11.53
N LEU A 29 0.72 -12.06 -10.90
CA LEU A 29 1.12 -13.04 -9.90
C LEU A 29 0.21 -13.01 -8.68
N ARG A 30 0.04 -11.83 -8.10
CA ARG A 30 -0.71 -11.71 -6.84
C ARG A 30 -2.21 -11.90 -7.07
N GLU A 31 -2.62 -11.78 -8.33
CA GLU A 31 -3.93 -12.21 -8.82
C GLU A 31 -4.09 -13.71 -8.58
N LEU A 32 -3.03 -14.48 -8.78
CA LEU A 32 -3.12 -15.92 -8.48
C LEU A 32 -3.17 -16.25 -6.98
N LEU A 33 -3.37 -15.26 -6.13
CA LEU A 33 -3.42 -15.54 -4.70
C LEU A 33 -4.83 -15.83 -4.22
N LEU A 34 -5.76 -14.91 -4.41
CA LEU A 34 -7.14 -15.22 -4.06
C LEU A 34 -7.71 -16.27 -5.06
N PRO A 35 -8.13 -17.44 -4.56
CA PRO A 35 -8.53 -18.55 -5.45
C PRO A 35 -9.94 -18.41 -6.02
N LYS A 36 -10.38 -19.45 -6.73
CA LYS A 36 -11.59 -19.40 -7.57
C LYS A 36 -12.91 -19.73 -6.87
N PHE A 37 -13.74 -18.69 -6.75
CA PHE A 37 -15.15 -18.86 -6.44
C PHE A 37 -15.73 -19.76 -7.55
N THR A 38 -15.81 -21.07 -7.34
CA THR A 38 -16.40 -21.90 -8.40
C THR A 38 -17.83 -21.43 -8.74
N SER A 39 -18.56 -20.97 -7.72
CA SER A 39 -19.84 -20.28 -7.92
C SER A 39 -20.05 -19.24 -6.82
N LEU A 40 -20.36 -18.01 -7.24
CA LEU A 40 -20.50 -16.86 -6.35
C LEU A 40 -21.59 -17.05 -5.30
N TRP A 41 -21.20 -16.92 -4.03
CA TRP A 41 -22.10 -17.05 -2.87
C TRP A 41 -22.73 -18.44 -2.68
N GLU A 42 -21.99 -19.50 -3.05
CA GLU A 42 -22.52 -20.87 -2.96
C GLU A 42 -22.90 -21.19 -1.53
N ILE A 43 -21.96 -20.95 -0.62
CA ILE A 43 -22.11 -21.13 0.83
C ILE A 43 -23.41 -20.55 1.41
N GLN A 44 -24.05 -19.64 0.66
CA GLN A 44 -25.25 -18.96 1.12
C GLN A 44 -26.48 -19.84 1.14
N THR A 45 -27.24 -19.76 2.24
CA THR A 45 -28.47 -20.54 2.38
C THR A 45 -29.66 -19.63 2.69
N GLU A 46 -29.59 -18.39 2.21
CA GLU A 46 -30.69 -17.45 2.35
C GLU A 46 -30.68 -16.37 1.26
N VAL A 47 -29.65 -15.52 1.29
CA VAL A 47 -29.54 -14.40 0.34
C VAL A 47 -29.11 -14.92 -1.02
N THR A 48 -29.71 -14.37 -2.07
CA THR A 48 -29.38 -14.77 -3.41
C THR A 48 -28.41 -13.76 -3.96
N VAL A 49 -28.01 -14.00 -5.20
CA VAL A 49 -27.23 -13.05 -5.98
C VAL A 49 -28.02 -11.76 -6.29
N ASP A 50 -29.34 -11.90 -6.48
CA ASP A 50 -30.19 -10.72 -6.68
C ASP A 50 -30.00 -9.73 -5.53
N ASN A 51 -30.06 -10.22 -4.30
CA ASN A 51 -29.71 -9.41 -3.12
C ASN A 51 -28.38 -8.71 -3.23
N ARG A 52 -27.42 -9.35 -3.89
CA ARG A 52 -26.07 -8.81 -4.00
C ARG A 52 -26.02 -7.60 -4.93
N THR A 53 -26.55 -7.75 -6.15
CA THR A 53 -26.71 -6.64 -7.06
C THR A 53 -27.31 -5.39 -6.38
N ILE A 54 -28.33 -5.59 -5.54
CA ILE A 54 -28.96 -4.51 -4.81
C ILE A 54 -28.02 -3.87 -3.77
N LEU A 55 -27.39 -4.71 -2.94
CA LEU A 55 -26.46 -4.19 -1.94
C LEU A 55 -25.23 -3.55 -2.59
N LEU A 56 -24.81 -4.10 -3.73
CA LEU A 56 -23.67 -3.56 -4.46
C LEU A 56 -23.95 -2.24 -5.11
N THR A 57 -25.20 -1.97 -5.50
CA THR A 57 -25.51 -0.65 -6.06
C THR A 57 -25.70 0.37 -4.94
N TRP A 58 -26.23 -0.05 -3.79
CA TRP A 58 -26.21 0.85 -2.65
C TRP A 58 -24.77 1.19 -2.24
N MET A 59 -23.88 0.20 -2.25
CA MET A 59 -22.50 0.42 -1.83
C MET A 59 -21.78 1.26 -2.85
N HIS A 60 -22.19 1.10 -4.12
CA HIS A 60 -21.57 1.86 -5.18
C HIS A 60 -21.96 3.31 -5.02
N LEU A 61 -23.26 3.54 -4.86
CA LEU A 61 -23.78 4.88 -4.77
C LEU A 61 -23.11 5.61 -3.62
N LEU A 62 -22.82 4.87 -2.55
CA LEU A 62 -22.22 5.43 -1.37
C LEU A 62 -20.86 6.04 -1.69
N CYS A 63 -20.00 5.21 -2.30
CA CYS A 63 -18.68 5.59 -2.79
C CYS A 63 -18.74 6.70 -3.81
N GLU A 64 -19.71 6.65 -4.71
CA GLU A 64 -19.68 7.62 -5.76
C GLU A 64 -20.05 8.97 -5.18
N SER A 65 -21.11 8.99 -4.39
CA SER A 65 -21.67 10.24 -3.89
C SER A 65 -20.79 10.90 -2.83
N PHE A 66 -20.02 10.10 -2.09
CA PHE A 66 -19.04 10.68 -1.17
C PHE A 66 -17.67 10.90 -1.82
N GLU A 67 -17.59 10.64 -3.14
CA GLU A 67 -16.41 10.89 -3.97
C GLU A 67 -15.16 10.16 -3.50
N LEU A 68 -15.30 8.93 -3.02
CA LEU A 68 -14.14 8.20 -2.55
C LEU A 68 -13.21 7.82 -3.72
N ASP A 69 -11.91 7.65 -3.46
CA ASP A 69 -10.96 7.23 -4.50
C ASP A 69 -11.50 6.01 -5.20
N LYS A 70 -11.21 5.93 -6.49
CA LYS A 70 -11.83 4.90 -7.34
C LYS A 70 -11.50 3.47 -6.92
N SER A 71 -10.49 3.28 -6.08
CA SER A 71 -10.14 1.91 -5.82
C SER A 71 -10.86 1.36 -4.60
N VAL A 72 -11.66 2.20 -3.95
CA VAL A 72 -12.36 1.79 -2.72
C VAL A 72 -13.44 0.73 -3.02
N PHE A 73 -14.37 1.07 -3.91
CA PHE A 73 -15.47 0.17 -4.23
C PHE A 73 -15.01 -1.23 -4.61
N PRO A 74 -14.11 -1.38 -5.60
CA PRO A 74 -13.73 -2.73 -6.03
C PRO A 74 -13.27 -3.59 -4.86
N LEU A 75 -12.53 -2.95 -3.95
CA LEU A 75 -12.01 -3.60 -2.75
C LEU A 75 -13.13 -3.87 -1.75
N SER A 76 -14.13 -2.98 -1.69
CA SER A 76 -15.32 -3.23 -0.88
C SER A 76 -16.01 -4.47 -1.38
N VAL A 77 -16.05 -4.62 -2.69
CA VAL A 77 -16.68 -5.77 -3.29
C VAL A 77 -15.93 -7.05 -2.91
N SER A 78 -14.60 -6.99 -3.05
CA SER A 78 -13.70 -8.10 -2.85
C SER A 78 -13.74 -8.55 -1.41
N ILE A 79 -13.74 -7.61 -0.47
CA ILE A 79 -13.89 -7.98 0.93
C ILE A 79 -15.23 -8.67 1.13
N LEU A 80 -16.29 -8.02 0.68
CA LEU A 80 -17.63 -8.54 0.90
C LEU A 80 -17.71 -9.97 0.44
N ASP A 81 -17.26 -10.22 -0.79
CA ASP A 81 -17.30 -11.56 -1.33
C ASP A 81 -16.48 -12.56 -0.51
N ARG A 82 -15.16 -12.42 -0.49
CA ARG A 82 -14.32 -13.24 0.36
C ARG A 82 -15.01 -13.57 1.68
N TYR A 83 -15.56 -12.53 2.32
CA TYR A 83 -16.24 -12.64 3.61
C TYR A 83 -17.45 -13.59 3.58
N LEU A 84 -18.21 -13.56 2.49
CA LEU A 84 -19.44 -14.38 2.40
C LEU A 84 -19.21 -15.82 1.90
N CYS A 85 -18.06 -16.37 2.25
CA CYS A 85 -17.85 -17.82 2.29
C CYS A 85 -17.66 -18.14 3.75
N LYS A 86 -16.67 -17.49 4.35
CA LYS A 86 -16.33 -17.65 5.76
C LYS A 86 -17.51 -17.57 6.73
N LYS A 87 -18.46 -16.67 6.48
CA LYS A 87 -19.66 -16.62 7.31
C LYS A 87 -20.95 -16.64 6.50
N GLN A 88 -22.05 -16.83 7.21
CA GLN A 88 -23.38 -16.85 6.62
C GLN A 88 -24.00 -15.46 6.79
N GLY A 89 -24.56 -14.92 5.71
CA GLY A 89 -25.25 -13.63 5.78
C GLY A 89 -26.76 -13.79 5.80
N THR A 90 -27.48 -12.72 6.11
CA THR A 90 -28.95 -12.71 6.04
C THR A 90 -29.46 -11.44 5.33
N LYS A 91 -30.74 -11.45 5.01
CA LYS A 91 -31.38 -10.33 4.32
C LYS A 91 -31.48 -9.11 5.22
N LYS A 92 -31.97 -9.29 6.45
CA LYS A 92 -32.04 -8.19 7.40
C LYS A 92 -30.66 -7.87 8.02
N THR A 93 -29.58 -8.25 7.34
CA THR A 93 -28.27 -8.01 7.90
C THR A 93 -27.22 -7.59 6.85
N LEU A 94 -27.56 -7.74 5.57
CA LEU A 94 -26.63 -7.43 4.48
C LEU A 94 -26.25 -5.96 4.51
N GLN A 95 -27.26 -5.12 4.68
CA GLN A 95 -27.09 -3.67 4.72
C GLN A 95 -25.89 -3.38 5.64
N LYS A 96 -25.92 -3.99 6.82
CA LYS A 96 -24.84 -3.89 7.80
C LYS A 96 -23.50 -4.33 7.23
N ILE A 97 -23.44 -5.58 6.78
CA ILE A 97 -22.22 -6.18 6.26
C ILE A 97 -21.56 -5.32 5.16
N GLY A 98 -22.38 -4.93 4.16
CA GLY A 98 -21.93 -4.14 3.04
C GLY A 98 -21.43 -2.81 3.55
N ALA A 99 -22.20 -2.20 4.43
CA ALA A 99 -21.77 -1.00 5.15
C ALA A 99 -20.40 -1.18 5.82
N ALA A 100 -20.12 -2.37 6.37
CA ALA A 100 -18.85 -2.58 7.02
C ALA A 100 -17.73 -2.82 5.99
N CYS A 101 -18.08 -3.32 4.81
CA CYS A 101 -17.08 -3.50 3.77
C CYS A 101 -16.59 -2.14 3.25
N VAL A 102 -17.53 -1.25 2.89
CA VAL A 102 -17.12 0.09 2.48
C VAL A 102 -16.31 0.76 3.57
N LEU A 103 -16.73 0.58 4.81
CA LEU A 103 -16.02 1.18 5.93
C LEU A 103 -14.61 0.63 6.03
N ILE A 104 -14.44 -0.68 5.83
CA ILE A 104 -13.09 -1.26 5.84
C ILE A 104 -12.33 -0.79 4.60
N GLY A 105 -12.95 -0.91 3.42
CA GLY A 105 -12.31 -0.52 2.18
C GLY A 105 -11.82 0.92 2.19
N SER A 106 -12.66 1.82 2.71
CA SER A 106 -12.29 3.22 2.80
C SER A 106 -11.07 3.39 3.72
N LYS A 107 -11.08 2.70 4.86
CA LYS A 107 -9.95 2.75 5.79
C LYS A 107 -8.62 2.40 5.13
N ILE A 108 -8.61 1.41 4.24
CA ILE A 108 -7.38 1.12 3.52
C ILE A 108 -7.13 2.08 2.35
N ARG A 109 -7.98 2.06 1.34
CA ARG A 109 -7.57 2.63 0.07
C ARG A 109 -7.81 4.13 -0.18
N THR A 110 -8.33 4.84 0.82
CA THR A 110 -8.63 6.28 0.69
C THR A 110 -8.26 7.11 1.90
N VAL A 111 -7.74 8.32 1.64
CA VAL A 111 -7.21 9.18 2.70
C VAL A 111 -8.29 9.63 3.70
N LYS A 112 -9.48 9.97 3.19
CA LYS A 112 -10.60 10.32 4.06
C LYS A 112 -11.66 9.21 4.01
N PRO A 113 -11.62 8.33 5.00
CA PRO A 113 -12.43 7.10 4.98
C PRO A 113 -13.81 7.37 5.50
N MET A 114 -14.75 6.55 5.04
CA MET A 114 -16.16 6.67 5.36
C MET A 114 -16.33 6.44 6.85
N THR A 115 -16.87 7.41 7.56
CA THR A 115 -17.03 7.27 8.99
C THR A 115 -18.24 6.40 9.31
N VAL A 116 -18.27 5.86 10.52
CA VAL A 116 -19.38 5.07 11.01
C VAL A 116 -20.69 5.88 11.06
N SER A 117 -20.64 7.09 11.62
CA SER A 117 -21.83 7.95 11.77
C SER A 117 -22.44 8.29 10.41
N LYS A 118 -21.56 8.52 9.43
CA LYS A 118 -21.94 8.68 8.04
C LYS A 118 -22.66 7.43 7.53
N LEU A 119 -22.12 6.26 7.84
CA LEU A 119 -22.62 5.00 7.31
C LEU A 119 -23.87 4.46 7.98
N THR A 120 -24.00 4.67 9.29
CA THR A 120 -25.13 4.11 10.05
C THR A 120 -26.33 5.00 9.88
N TYR A 121 -26.17 6.27 10.25
CA TYR A 121 -27.21 7.29 10.12
C TYR A 121 -27.91 7.13 8.75
N LEU A 122 -27.12 7.10 7.67
CA LEU A 122 -27.57 6.57 6.38
C LEU A 122 -27.59 5.02 6.47
N SER A 123 -28.76 4.43 6.71
CA SER A 123 -28.95 2.96 6.74
C SER A 123 -29.93 2.53 7.83
N PHE A 127 -29.43 0.01 12.00
CA PHE A 127 -28.47 -0.62 12.90
C PHE A 127 -27.64 0.39 13.72
N THR A 128 -27.36 0.07 14.99
CA THR A 128 -26.53 0.97 15.83
C THR A 128 -25.09 1.05 15.32
N ASN A 129 -24.40 2.12 15.67
CA ASN A 129 -22.99 2.28 15.27
C ASN A 129 -22.05 1.40 16.10
N LEU A 130 -22.55 0.93 17.24
CA LEU A 130 -21.88 -0.12 18.01
C LEU A 130 -21.96 -1.39 17.17
N GLU A 131 -23.19 -1.78 16.84
CA GLU A 131 -23.52 -2.96 16.05
C GLU A 131 -22.77 -3.06 14.72
N LEU A 132 -22.40 -1.91 14.17
CA LEU A 132 -21.63 -1.86 12.93
C LEU A 132 -20.15 -2.11 13.23
N ILE A 133 -19.63 -1.53 14.30
CA ILE A 133 -18.26 -1.78 14.75
C ILE A 133 -17.92 -3.28 14.95
N ASN A 134 -18.88 -4.06 15.45
CA ASN A 134 -18.71 -5.53 15.55
C ASN A 134 -18.63 -6.16 14.18
N GLN A 135 -19.55 -5.74 13.32
CA GLN A 135 -19.64 -6.28 11.98
C GLN A 135 -18.37 -5.95 11.20
N GLU A 136 -17.49 -5.16 11.82
CA GLU A 136 -16.19 -4.86 11.23
C GLU A 136 -15.23 -5.86 11.80
N LYS A 137 -15.02 -5.76 13.11
CA LYS A 137 -14.29 -6.76 13.88
C LYS A 137 -14.50 -8.16 13.31
N ASP A 138 -15.76 -8.59 13.19
CA ASP A 138 -16.13 -9.92 12.69
C ASP A 138 -15.71 -10.22 11.24
N ILE A 139 -15.72 -9.22 10.37
CA ILE A 139 -15.15 -9.39 9.04
C ILE A 139 -13.62 -9.52 9.15
N LEU A 140 -13.02 -8.65 9.96
CA LEU A 140 -11.57 -8.62 10.05
C LEU A 140 -11.02 -9.97 10.49
N GLU A 141 -11.54 -10.50 11.59
CA GLU A 141 -11.04 -11.74 12.11
C GLU A 141 -11.47 -12.95 11.29
N ALA A 142 -12.60 -12.83 10.60
CA ALA A 142 -13.06 -13.89 9.71
C ALA A 142 -12.08 -14.07 8.57
N LEU A 143 -11.68 -12.95 7.96
CA LEU A 143 -10.73 -12.94 6.85
C LEU A 143 -9.30 -12.99 7.37
N LYS A 144 -9.18 -13.13 8.69
CA LYS A 144 -7.93 -13.06 9.43
C LYS A 144 -7.06 -11.87 9.00
N TRP A 145 -7.70 -10.70 8.97
CA TRP A 145 -7.06 -9.42 8.68
C TRP A 145 -6.39 -9.31 7.31
N ASP A 146 -6.46 -10.39 6.52
CA ASP A 146 -5.87 -10.41 5.19
C ASP A 146 -6.85 -9.74 4.24
N THR A 147 -6.77 -8.42 4.19
CA THR A 147 -7.87 -7.60 3.76
C THR A 147 -7.72 -7.21 2.31
N GLU A 148 -6.52 -6.78 1.96
CA GLU A 148 -6.18 -6.27 0.64
C GLU A 148 -6.42 -7.32 -0.47
N ALA A 149 -6.18 -6.94 -1.71
CA ALA A 149 -6.56 -7.74 -2.89
C ALA A 149 -6.08 -7.05 -4.16
N VAL A 150 -5.83 -7.81 -5.21
CA VAL A 150 -5.54 -7.19 -6.50
C VAL A 150 -6.89 -6.70 -7.05
N LEU A 151 -7.01 -5.40 -7.28
CA LEU A 151 -8.25 -4.89 -7.82
C LEU A 151 -8.19 -4.76 -9.33
N ALA A 152 -9.34 -4.94 -9.97
CA ALA A 152 -9.44 -4.74 -11.41
C ALA A 152 -8.87 -3.37 -11.71
N THR A 153 -9.16 -2.43 -10.81
CA THR A 153 -8.61 -1.09 -10.86
C THR A 153 -7.08 -1.05 -10.99
N ASP A 154 -6.40 -1.89 -10.20
CA ASP A 154 -4.95 -1.76 -10.05
C ASP A 154 -4.24 -1.88 -11.39
N PHE A 155 -4.89 -2.53 -12.37
CA PHE A 155 -4.31 -2.83 -13.67
C PHE A 155 -4.38 -1.70 -14.67
N LEU A 156 -5.14 -0.63 -14.36
CA LEU A 156 -5.39 0.40 -15.39
C LEU A 156 -4.12 1.00 -15.97
N ILE A 157 -3.33 1.68 -15.17
CA ILE A 157 -2.18 2.32 -15.78
C ILE A 157 -1.17 1.29 -16.32
N PRO A 158 -0.81 0.28 -15.53
CA PRO A 158 0.04 -0.78 -16.04
C PRO A 158 -0.41 -1.32 -17.39
N LEU A 159 -1.71 -1.33 -17.67
CA LEU A 159 -2.17 -1.74 -19.01
C LEU A 159 -2.00 -0.64 -20.07
N CYS A 160 -2.30 0.60 -19.69
CA CYS A 160 -2.07 1.70 -20.60
C CYS A 160 -0.60 1.77 -21.00
N ASN A 161 0.27 1.69 -20.00
CA ASN A 161 1.69 1.65 -20.24
C ASN A 161 2.12 0.49 -21.14
N ALA A 162 1.67 -0.71 -20.81
CA ALA A 162 2.05 -1.87 -21.58
C ALA A 162 1.58 -1.74 -23.03
N LEU A 163 0.42 -1.14 -23.23
CA LEU A 163 -0.15 -0.93 -24.58
C LEU A 163 0.42 0.28 -25.31
N LYS A 164 1.40 0.94 -24.68
CA LYS A 164 2.10 2.10 -25.26
C LYS A 164 1.18 3.27 -25.52
N ILE A 165 0.09 3.37 -24.76
CA ILE A 165 -0.80 4.54 -24.85
C ILE A 165 -0.10 5.82 -24.31
N PRO A 166 -0.04 6.86 -25.16
CA PRO A 166 0.57 8.15 -24.77
C PRO A 166 0.11 8.59 -23.38
N GLU A 167 1.05 9.11 -22.58
CA GLU A 167 0.76 9.40 -21.16
C GLU A 167 -0.30 10.46 -20.96
N ASP A 168 -0.30 11.47 -21.82
CA ASP A 168 -1.29 12.56 -21.74
C ASP A 168 -2.73 12.06 -21.89
N LEU A 169 -2.91 10.81 -22.29
CA LEU A 169 -4.24 10.26 -22.33
C LEU A 169 -4.60 9.58 -21.02
N TRP A 170 -3.60 9.26 -20.21
CA TRP A 170 -3.84 8.48 -19.01
C TRP A 170 -4.90 9.10 -18.10
N PRO A 171 -4.82 10.39 -17.79
CA PRO A 171 -5.78 11.00 -16.86
C PRO A 171 -7.23 10.79 -17.25
N GLN A 172 -7.59 11.10 -18.49
CA GLN A 172 -8.98 10.88 -18.92
C GLN A 172 -9.29 9.38 -18.93
N LEU A 173 -8.48 8.63 -19.68
CA LEU A 173 -8.65 7.19 -19.81
C LEU A 173 -8.86 6.56 -18.45
N TYR A 174 -7.99 6.90 -17.49
CA TYR A 174 -8.13 6.46 -16.11
C TYR A 174 -9.52 6.79 -15.59
N GLU A 175 -9.81 8.08 -15.50
CA GLU A 175 -11.07 8.55 -14.93
C GLU A 175 -12.25 7.78 -15.56
N ALA A 176 -12.27 7.70 -16.88
CA ALA A 176 -13.34 7.07 -17.66
C ALA A 176 -13.52 5.56 -17.45
N ALA A 177 -12.43 4.80 -17.53
CA ALA A 177 -12.58 3.36 -17.48
C ALA A 177 -12.67 2.86 -16.05
N SER A 178 -12.08 3.58 -15.10
CA SER A 178 -12.26 3.24 -13.69
C SER A 178 -13.74 3.40 -13.33
N THR A 179 -14.36 4.42 -13.92
CA THR A 179 -15.75 4.68 -13.67
C THR A 179 -16.61 3.53 -14.18
N THR A 180 -16.21 2.96 -15.32
CA THR A 180 -17.02 1.89 -15.92
C THR A 180 -16.75 0.53 -15.26
N ILE A 181 -15.48 0.28 -14.93
CA ILE A 181 -15.17 -0.93 -14.17
C ILE A 181 -15.99 -0.98 -12.88
N CYS A 182 -15.98 0.14 -12.15
CA CYS A 182 -16.61 0.22 -10.85
C CYS A 182 -18.06 -0.15 -10.95
N LYS A 183 -18.76 0.42 -11.94
CA LYS A 183 -20.15 0.09 -12.14
C LYS A 183 -20.28 -1.37 -12.50
N ALA A 184 -19.48 -1.82 -13.48
CA ALA A 184 -19.55 -3.22 -13.97
C ALA A 184 -19.52 -4.21 -12.83
N LEU A 185 -18.64 -3.94 -11.87
CA LEU A 185 -18.48 -4.79 -10.71
C LEU A 185 -19.77 -5.11 -9.95
N ILE A 186 -20.83 -4.31 -10.17
CA ILE A 186 -22.11 -4.46 -9.46
C ILE A 186 -22.75 -5.77 -9.84
N GLN A 187 -22.54 -6.13 -11.10
CA GLN A 187 -23.17 -7.31 -11.66
C GLN A 187 -22.58 -8.67 -11.20
N PRO A 188 -23.48 -9.60 -10.89
CA PRO A 188 -23.16 -11.01 -10.62
C PRO A 188 -22.01 -11.64 -11.43
N ASN A 189 -22.19 -11.81 -12.73
CA ASN A 189 -21.21 -12.53 -13.54
C ASN A 189 -19.80 -11.93 -13.58
N ILE A 190 -19.70 -10.64 -13.35
CA ILE A 190 -18.38 -10.01 -13.37
C ILE A 190 -17.55 -10.48 -12.16
N ALA A 191 -18.22 -10.93 -11.10
CA ALA A 191 -17.52 -11.32 -9.86
C ALA A 191 -16.56 -12.51 -10.04
N LEU A 192 -16.71 -13.18 -11.18
CA LEU A 192 -16.00 -14.41 -11.43
C LEU A 192 -14.76 -14.19 -12.27
N LEU A 193 -14.72 -13.11 -13.04
CA LEU A 193 -13.61 -12.85 -13.94
C LEU A 193 -12.36 -12.42 -13.19
N SER A 194 -11.19 -12.70 -13.77
CA SER A 194 -9.93 -12.31 -13.18
C SER A 194 -9.79 -10.78 -13.29
N PRO A 195 -9.33 -10.15 -12.20
CA PRO A 195 -9.22 -8.70 -12.15
C PRO A 195 -8.47 -8.12 -13.34
N GLY A 196 -7.43 -8.80 -13.82
CA GLY A 196 -6.73 -8.32 -15.00
C GLY A 196 -7.69 -8.18 -16.17
N LEU A 197 -8.54 -9.18 -16.35
CA LEU A 197 -9.42 -9.18 -17.49
C LEU A 197 -10.51 -8.13 -17.37
N ILE A 198 -11.04 -7.96 -16.16
CA ILE A 198 -12.14 -7.00 -15.97
C ILE A 198 -11.62 -5.63 -16.41
N CYS A 199 -10.36 -5.38 -16.10
CA CYS A 199 -9.70 -4.14 -16.44
C CYS A 199 -9.52 -3.96 -17.95
N ALA A 200 -8.96 -4.97 -18.60
CA ALA A 200 -8.81 -5.00 -20.05
C ALA A 200 -10.14 -4.76 -20.74
N GLY A 201 -11.19 -5.32 -20.18
CA GLY A 201 -12.54 -5.04 -20.68
C GLY A 201 -12.93 -3.59 -20.49
N GLY A 202 -12.67 -3.07 -19.28
CA GLY A 202 -13.07 -1.72 -18.91
C GLY A 202 -12.45 -0.75 -19.90
N LEU A 203 -11.18 -1.00 -20.20
CA LEU A 203 -10.39 -0.14 -21.05
C LEU A 203 -10.96 -0.09 -22.46
N LEU A 204 -11.20 -1.27 -23.03
CA LEU A 204 -11.63 -1.37 -24.40
C LEU A 204 -13.02 -0.73 -24.64
N THR A 205 -13.95 -0.97 -23.71
CA THR A 205 -15.28 -0.38 -23.78
C THR A 205 -15.15 1.10 -23.80
N THR A 206 -14.32 1.61 -22.90
CA THR A 206 -14.12 3.02 -22.77
C THR A 206 -13.54 3.58 -24.03
N ILE A 207 -12.42 3.00 -24.47
CA ILE A 207 -11.80 3.34 -25.75
C ILE A 207 -12.80 3.38 -26.92
N GLU A 208 -13.76 2.46 -26.89
CA GLU A 208 -14.78 2.35 -27.95
C GLU A 208 -15.64 3.60 -28.05
N THR A 209 -16.01 4.16 -26.90
CA THR A 209 -16.96 5.27 -26.85
C THR A 209 -16.27 6.61 -26.61
N ASP A 210 -16.12 7.35 -27.70
CA ASP A 210 -15.11 8.43 -27.85
C ASP A 210 -13.76 7.76 -28.00
N ASN A 211 -13.27 7.69 -29.25
CA ASN A 211 -12.06 6.95 -29.62
C ASN A 211 -10.82 7.49 -28.89
N THR A 212 -11.00 8.64 -28.26
CA THR A 212 -9.98 9.28 -27.41
C THR A 212 -8.71 9.64 -28.21
N ASN A 213 -8.78 9.45 -29.53
CA ASN A 213 -7.64 9.64 -30.41
C ASN A 213 -6.50 8.67 -30.06
N CYS A 214 -6.86 7.41 -29.78
CA CYS A 214 -5.89 6.32 -29.74
C CYS A 214 -5.94 5.64 -31.11
N ARG A 215 -5.62 4.35 -31.13
CA ARG A 215 -6.11 3.45 -32.17
C ARG A 215 -7.55 3.09 -31.74
N PRO A 216 -8.31 2.33 -32.55
CA PRO A 216 -9.63 1.89 -32.12
C PRO A 216 -9.59 0.56 -31.36
N TRP A 217 -10.64 0.30 -30.59
CA TRP A 217 -10.80 -0.91 -29.77
C TRP A 217 -10.15 -2.17 -30.38
N THR A 218 -10.65 -2.62 -31.53
CA THR A 218 -10.03 -3.62 -32.41
C THR A 218 -8.54 -3.87 -32.18
N CYS A 219 -7.76 -2.80 -32.26
CA CYS A 219 -6.30 -2.87 -32.33
C CYS A 219 -5.63 -3.27 -31.02
N TYR A 220 -6.36 -3.18 -29.92
CA TYR A 220 -5.79 -3.53 -28.64
C TYR A 220 -6.13 -4.97 -28.20
N LEU A 221 -7.09 -5.60 -28.88
CA LEU A 221 -7.51 -6.99 -28.59
C LEU A 221 -6.35 -8.00 -28.65
N GLU A 222 -5.61 -8.02 -29.75
CA GLU A 222 -4.48 -8.95 -29.86
C GLU A 222 -3.37 -8.65 -28.88
N ASP A 223 -3.28 -7.40 -28.44
CA ASP A 223 -2.18 -7.03 -27.54
C ASP A 223 -2.44 -7.40 -26.10
N LEU A 224 -3.62 -7.08 -25.61
CA LEU A 224 -4.04 -7.42 -24.27
C LEU A 224 -4.01 -8.94 -24.12
N SER A 225 -4.34 -9.65 -25.19
CA SER A 225 -4.24 -11.09 -25.20
C SER A 225 -2.79 -11.50 -25.00
N SER A 226 -1.87 -10.78 -25.62
CA SER A 226 -0.46 -11.04 -25.36
C SER A 226 -0.06 -10.63 -23.93
N ILE A 227 -0.36 -9.39 -23.56
CA ILE A 227 -0.06 -8.89 -22.21
C ILE A 227 -0.54 -9.86 -21.12
N LEU A 228 -1.85 -10.13 -21.09
CA LEU A 228 -2.47 -10.86 -19.99
C LEU A 228 -2.27 -12.37 -20.10
N ASN A 229 -2.12 -12.87 -21.31
CA ASN A 229 -1.89 -14.28 -21.54
C ASN A 229 -3.20 -15.08 -21.48
N PHE A 230 -4.25 -14.46 -22.04
CA PHE A 230 -5.46 -15.18 -22.38
C PHE A 230 -5.59 -15.24 -23.87
N SER A 231 -6.53 -16.03 -24.38
CA SER A 231 -6.77 -16.06 -25.82
C SER A 231 -7.52 -14.79 -26.19
N THR A 232 -7.50 -14.41 -27.47
CA THR A 232 -8.24 -13.24 -27.94
C THR A 232 -9.73 -13.39 -27.72
N ASN A 233 -10.30 -14.54 -28.04
CA ASN A 233 -11.72 -14.75 -27.76
C ASN A 233 -12.10 -14.37 -26.34
N THR A 234 -11.30 -14.83 -25.37
CA THR A 234 -11.57 -14.53 -23.97
C THR A 234 -11.66 -13.03 -23.77
N VAL A 235 -10.70 -12.32 -24.37
CA VAL A 235 -10.62 -10.86 -24.25
C VAL A 235 -11.83 -10.17 -24.91
N ARG A 236 -12.15 -10.60 -26.13
CA ARG A 236 -13.28 -10.06 -26.85
C ARG A 236 -14.52 -10.30 -26.01
N THR A 237 -14.60 -11.42 -25.31
CA THR A 237 -15.77 -11.74 -24.53
C THR A 237 -15.92 -10.86 -23.31
N VAL A 238 -14.83 -10.70 -22.59
CA VAL A 238 -14.88 -9.96 -21.36
C VAL A 238 -15.26 -8.50 -21.63
N LYS A 239 -14.84 -7.96 -22.77
CA LYS A 239 -15.28 -6.63 -23.15
C LYS A 239 -16.82 -6.59 -23.23
N ASP A 240 -17.41 -7.37 -24.13
CA ASP A 240 -18.86 -7.45 -24.21
C ASP A 240 -19.45 -7.60 -22.83
N GLN A 241 -18.80 -8.41 -22.01
CA GLN A 241 -19.35 -8.79 -20.74
C GLN A 241 -19.40 -7.58 -19.81
N VAL A 242 -18.28 -6.86 -19.71
CA VAL A 242 -18.15 -5.66 -18.87
C VAL A 242 -18.97 -4.50 -19.43
N SER A 243 -18.96 -4.35 -20.76
CA SER A 243 -19.81 -3.41 -21.44
C SER A 243 -21.28 -3.64 -21.11
N GLU A 244 -21.66 -4.90 -20.94
CA GLU A 244 -23.00 -5.24 -20.49
C GLU A 244 -23.23 -4.78 -19.09
N ALA A 245 -22.31 -5.18 -18.20
CA ALA A 245 -22.49 -4.99 -16.77
C ALA A 245 -22.77 -3.52 -16.48
N PHE A 246 -21.99 -2.67 -17.13
CA PHE A 246 -22.23 -1.24 -17.16
C PHE A 246 -23.69 -0.84 -17.50
N SER A 247 -24.18 -1.26 -18.67
CA SER A 247 -25.54 -0.95 -19.12
C SER A 247 -26.62 -1.28 -18.10
N LEU A 248 -26.41 -2.34 -17.32
CA LEU A 248 -27.44 -2.84 -16.41
C LEU A 248 -27.49 -2.11 -15.07
N TYR A 249 -26.75 -1.01 -14.96
CA TYR A 249 -26.77 -0.16 -13.77
C TYR A 249 -28.12 0.53 -13.71
N ASP A 250 -28.74 0.52 -12.54
CA ASP A 250 -30.12 1.02 -12.41
C ASP A 250 -30.50 1.25 -10.93
N LEU A 251 -30.50 2.51 -10.50
CA LEU A 251 -30.75 2.88 -9.10
C LEU A 251 -32.18 2.61 -8.68
N GLU A 252 -33.06 2.36 -9.64
CA GLU A 252 -34.46 2.11 -9.34
C GLU A 252 -34.61 0.81 -8.56
N ILE A 253 -33.71 -0.13 -8.82
CA ILE A 253 -33.77 -1.44 -8.14
C ILE A 253 -33.72 -1.29 -6.63
N LEU A 254 -33.16 -0.18 -6.15
CA LEU A 254 -33.09 0.18 -4.72
C LEU A 254 -34.42 0.29 -3.94
N ASP B 10 -4.51 -15.09 23.83
CA ASP B 10 -4.74 -14.15 24.97
C ASP B 10 -3.72 -14.31 26.12
N GLN B 11 -3.37 -15.55 26.47
CA GLN B 11 -2.42 -15.80 27.56
C GLN B 11 -1.27 -16.75 27.18
N GLN B 12 -0.65 -16.49 26.04
CA GLN B 12 0.50 -17.27 25.58
C GLN B 12 1.85 -16.56 25.80
N TYR B 13 1.80 -15.35 26.37
CA TYR B 13 2.98 -14.47 26.44
C TYR B 13 3.24 -13.83 27.80
N GLU B 14 4.39 -13.14 27.89
CA GLU B 14 4.82 -12.36 29.06
C GLU B 14 5.80 -11.27 28.62
N CYS B 15 5.45 -10.01 28.86
CA CYS B 15 6.25 -8.87 28.39
C CYS B 15 7.52 -8.61 29.21
N VAL B 16 8.61 -8.29 28.52
CA VAL B 16 9.89 -7.98 29.16
C VAL B 16 10.18 -6.47 29.08
N ALA B 17 11.06 -6.07 28.15
CA ALA B 17 11.35 -4.66 27.94
C ALA B 17 10.46 -4.07 26.85
N GLU B 18 10.25 -2.76 26.90
CA GLU B 18 9.47 -2.08 25.86
C GLU B 18 10.35 -1.51 24.74
N ILE B 19 10.48 -2.25 23.65
CA ILE B 19 11.34 -1.86 22.54
C ILE B 19 10.77 -0.74 21.64
N GLY B 20 10.07 0.23 22.23
CA GLY B 20 9.66 1.45 21.52
C GLY B 20 8.19 1.71 21.28
N GLU B 21 7.80 2.98 21.38
CA GLU B 21 6.41 3.41 21.19
C GLU B 21 6.07 3.60 19.71
N GLY B 22 5.39 2.60 19.13
CA GLY B 22 5.13 2.52 17.69
C GLY B 22 3.97 3.37 17.24
N ALA B 23 3.34 2.93 16.15
CA ALA B 23 2.28 3.69 15.44
C ALA B 23 1.20 4.34 16.30
N TYR B 24 0.52 3.56 17.15
CA TYR B 24 -0.58 4.08 17.99
C TYR B 24 -0.22 4.20 19.48
N GLY B 25 0.45 3.16 19.98
CA GLY B 25 0.89 3.08 21.37
C GLY B 25 2.32 2.61 21.49
N LYS B 26 2.50 1.40 22.04
CA LYS B 26 3.85 0.86 22.33
C LYS B 26 4.06 -0.57 21.85
N VAL B 27 5.35 -0.93 21.66
CA VAL B 27 5.75 -2.27 21.23
C VAL B 27 6.68 -2.91 22.29
N PHE B 28 6.30 -4.09 22.79
CA PHE B 28 7.04 -4.79 23.85
C PHE B 28 7.90 -5.96 23.32
N LYS B 29 9.02 -6.22 23.98
CA LYS B 29 9.76 -7.47 23.78
C LYS B 29 9.17 -8.52 24.71
N ALA B 30 8.85 -9.70 24.16
CA ALA B 30 8.24 -10.77 24.92
C ALA B 30 8.57 -12.15 24.34
N ARG B 31 8.39 -13.20 25.14
CA ARG B 31 8.63 -14.56 24.69
C ARG B 31 7.31 -15.30 24.43
N ASP B 32 7.31 -16.17 23.42
CA ASP B 32 6.21 -17.11 23.19
C ASP B 32 6.42 -18.37 24.04
N LEU B 33 5.33 -18.97 24.54
CA LEU B 33 5.45 -20.15 25.41
C LEU B 33 5.21 -21.48 24.68
N LYS B 34 4.12 -21.55 23.92
CA LYS B 34 3.72 -22.76 23.15
C LYS B 34 4.74 -23.15 22.07
N ASN B 35 5.37 -22.16 21.46
CA ASN B 35 6.44 -22.36 20.48
C ASN B 35 7.74 -22.92 21.13
N GLY B 36 8.90 -22.57 20.55
CA GLY B 36 10.19 -23.05 21.06
C GLY B 36 10.67 -22.34 22.31
N GLY B 37 9.92 -21.33 22.75
CA GLY B 37 10.28 -20.50 23.90
C GLY B 37 10.93 -19.20 23.47
N ARG B 38 11.03 -19.01 22.15
CA ARG B 38 11.77 -17.90 21.55
C ARG B 38 11.02 -16.57 21.67
N PHE B 39 11.49 -15.56 20.93
CA PHE B 39 11.00 -14.19 21.07
C PHE B 39 9.95 -13.72 20.06
N VAL B 40 9.04 -12.89 20.54
CA VAL B 40 7.94 -12.34 19.76
C VAL B 40 7.89 -10.82 19.99
N ALA B 41 7.48 -10.07 18.95
CA ALA B 41 7.30 -8.61 19.05
C ALA B 41 5.82 -8.24 19.19
N LEU B 42 5.45 -7.68 20.34
CA LEU B 42 4.05 -7.36 20.64
C LEU B 42 3.69 -5.87 20.55
N LYS B 43 2.81 -5.54 19.61
CA LYS B 43 2.28 -4.19 19.44
C LYS B 43 0.93 -4.10 20.14
N ARG B 44 0.86 -3.26 21.18
CA ARG B 44 -0.37 -3.04 21.91
C ARG B 44 -1.10 -1.88 21.26
N VAL B 45 -2.34 -2.11 20.87
CA VAL B 45 -3.18 -1.08 20.24
C VAL B 45 -4.47 -0.86 21.02
N ARG B 46 -4.52 0.25 21.76
CA ARG B 46 -5.70 0.57 22.55
C ARG B 46 -6.73 1.33 21.70
N VAL B 47 -7.74 0.60 21.21
CA VAL B 47 -8.81 1.18 20.41
C VAL B 47 -9.70 2.03 21.29
N GLN B 48 -9.72 3.33 21.01
CA GLN B 48 -10.54 4.28 21.74
C GLN B 48 -12.03 3.97 21.55
N THR B 49 -12.72 3.65 22.64
CA THR B 49 -14.18 3.46 22.60
C THR B 49 -14.90 4.77 22.28
N GLY B 50 -14.36 5.51 21.32
CA GLY B 50 -15.01 6.68 20.75
C GLY B 50 -16.09 6.18 19.81
N GLU B 51 -15.78 6.12 18.53
CA GLU B 51 -16.69 5.60 17.53
C GLU B 51 -16.10 5.72 16.13
N GLU B 52 -15.08 4.92 15.84
CA GLU B 52 -14.54 4.86 14.47
C GLU B 52 -14.21 3.43 14.03
N GLY B 53 -14.32 2.47 14.95
CA GLY B 53 -13.94 1.08 14.67
C GLY B 53 -12.44 0.95 14.76
N MET B 54 -11.89 -0.13 14.23
CA MET B 54 -10.43 -0.36 14.30
C MET B 54 -9.68 0.80 13.67
N PRO B 55 -8.58 1.22 14.27
CA PRO B 55 -7.81 2.32 13.73
C PRO B 55 -7.47 2.06 12.28
N LEU B 56 -7.59 3.11 11.48
CA LEU B 56 -7.22 3.11 10.07
C LEU B 56 -5.82 2.57 9.93
N SER B 57 -4.86 3.30 10.49
CA SER B 57 -3.46 2.94 10.42
C SER B 57 -3.17 1.46 10.67
N THR B 58 -3.85 0.87 11.65
CA THR B 58 -3.62 -0.53 11.97
C THR B 58 -4.17 -1.51 10.95
N ILE B 59 -5.41 -1.30 10.51
CA ILE B 59 -6.04 -2.16 9.51
C ILE B 59 -5.21 -2.23 8.26
N ARG B 60 -4.84 -1.05 7.76
CA ARG B 60 -4.00 -0.89 6.59
C ARG B 60 -2.69 -1.66 6.73
N GLU B 61 -1.91 -1.33 7.75
CA GLU B 61 -0.59 -1.92 7.99
C GLU B 61 -0.58 -3.45 8.01
N VAL B 62 -1.57 -4.05 8.67
CA VAL B 62 -1.69 -5.51 8.69
C VAL B 62 -1.98 -6.03 7.29
N ALA B 63 -2.86 -5.34 6.58
CA ALA B 63 -3.37 -5.81 5.29
C ALA B 63 -2.24 -5.94 4.28
N VAL B 64 -1.31 -4.99 4.34
CA VAL B 64 -0.16 -4.90 3.44
C VAL B 64 0.86 -5.99 3.73
N LEU B 65 1.16 -6.14 5.02
CA LEU B 65 2.05 -7.16 5.51
C LEU B 65 1.48 -8.55 5.23
N ARG B 66 0.18 -8.73 5.43
CA ARG B 66 -0.46 -10.01 5.11
C ARG B 66 -0.39 -10.28 3.61
N HIS B 67 -0.54 -9.22 2.83
CA HIS B 67 -0.70 -9.36 1.40
C HIS B 67 0.58 -9.86 0.74
N LEU B 68 1.70 -9.51 1.34
CA LEU B 68 2.97 -9.81 0.73
C LEU B 68 3.65 -11.01 1.36
N GLU B 69 3.03 -11.56 2.40
CA GLU B 69 3.70 -12.52 3.25
C GLU B 69 4.05 -13.84 2.56
N THR B 70 3.31 -14.21 1.53
CA THR B 70 3.57 -15.46 0.78
C THR B 70 4.85 -15.33 -0.09
N PHE B 71 5.40 -14.12 -0.14
CA PHE B 71 6.70 -13.89 -0.73
C PHE B 71 7.83 -14.14 0.24
N GLU B 72 7.56 -13.99 1.54
CA GLU B 72 8.57 -14.25 2.59
C GLU B 72 9.86 -13.42 2.41
N HIS B 73 9.74 -12.17 1.95
CA HIS B 73 10.92 -11.35 1.64
C HIS B 73 11.88 -11.19 2.83
N PRO B 74 13.17 -11.46 2.62
CA PRO B 74 14.14 -11.48 3.73
C PRO B 74 14.39 -10.12 4.41
N ASN B 75 14.09 -9.02 3.72
CA ASN B 75 14.37 -7.69 4.25
C ASN B 75 13.14 -6.95 4.76
N VAL B 76 12.11 -7.70 5.11
CA VAL B 76 10.86 -7.13 5.62
C VAL B 76 10.43 -7.88 6.86
N VAL B 77 9.84 -7.16 7.79
CA VAL B 77 9.40 -7.75 9.04
C VAL B 77 8.25 -8.72 8.77
N ARG B 78 8.02 -9.68 9.68
CA ARG B 78 6.95 -10.68 9.53
C ARG B 78 5.89 -10.55 10.64
N LEU B 79 4.61 -10.62 10.27
CA LEU B 79 3.52 -10.65 11.26
C LEU B 79 2.99 -12.06 11.44
N PHE B 80 2.97 -12.55 12.68
CA PHE B 80 2.43 -13.88 12.97
C PHE B 80 0.96 -13.90 13.32
N ASP B 81 0.46 -12.87 13.99
CA ASP B 81 -0.89 -12.97 14.56
C ASP B 81 -1.58 -11.63 14.91
N VAL B 82 -2.91 -11.66 14.96
CA VAL B 82 -3.69 -10.57 15.54
C VAL B 82 -4.66 -11.15 16.57
N CYS B 83 -4.43 -10.82 17.84
CA CYS B 83 -5.17 -11.42 18.93
C CYS B 83 -6.63 -11.01 18.92
N THR B 84 -6.89 -9.71 19.11
CA THR B 84 -8.25 -9.18 19.38
C THR B 84 -9.05 -9.94 20.46
N VAL B 85 -9.30 -9.25 21.58
CA VAL B 85 -10.22 -9.72 22.61
C VAL B 85 -11.23 -8.61 22.95
N SER B 86 -12.46 -8.73 22.43
CA SER B 86 -13.51 -7.74 22.69
C SER B 86 -13.92 -7.74 24.15
N ARG B 87 -14.06 -6.55 24.74
CA ARG B 87 -14.50 -6.44 26.13
C ARG B 87 -15.85 -5.75 26.25
N THR B 88 -16.80 -6.40 26.92
CA THR B 88 -18.08 -5.78 27.25
C THR B 88 -17.99 -5.02 28.58
N ASP B 89 -16.91 -5.26 29.33
CA ASP B 89 -16.61 -4.53 30.57
C ASP B 89 -15.76 -3.29 30.34
N ARG B 90 -15.09 -3.26 29.19
CA ARG B 90 -14.20 -2.15 28.82
C ARG B 90 -14.12 -1.99 27.29
N GLU B 91 -13.22 -1.13 26.83
CA GLU B 91 -12.89 -1.03 25.43
C GLU B 91 -12.10 -2.27 24.98
N THR B 92 -11.98 -2.46 23.69
CA THR B 92 -11.12 -3.50 23.16
C THR B 92 -9.65 -3.09 23.36
N LYS B 93 -8.76 -4.08 23.26
CA LYS B 93 -7.33 -3.85 23.18
C LYS B 93 -6.79 -4.88 22.20
N LEU B 94 -5.69 -4.55 21.51
CA LEU B 94 -5.13 -5.45 20.52
C LEU B 94 -3.72 -5.91 20.85
N THR B 95 -3.48 -7.21 20.64
CA THR B 95 -2.13 -7.73 20.59
C THR B 95 -1.81 -8.02 19.12
N LEU B 96 -0.82 -7.31 18.60
CA LEU B 96 -0.31 -7.47 17.24
C LEU B 96 1.07 -8.10 17.40
N VAL B 97 1.27 -9.30 16.83
CA VAL B 97 2.45 -10.11 17.15
C VAL B 97 3.35 -10.37 15.95
N PHE B 98 4.59 -9.88 16.04
CA PHE B 98 5.54 -9.96 14.94
C PHE B 98 6.79 -10.72 15.34
N GLU B 99 7.64 -11.00 14.35
CA GLU B 99 8.97 -11.50 14.65
C GLU B 99 9.76 -10.43 15.41
N HIS B 100 10.47 -10.83 16.46
CA HIS B 100 11.34 -9.93 17.20
C HIS B 100 12.69 -9.78 16.48
N VAL B 101 13.23 -8.58 16.49
CA VAL B 101 14.54 -8.31 15.90
C VAL B 101 15.36 -7.61 16.97
N ASP B 102 16.66 -7.90 16.97
CA ASP B 102 17.52 -7.66 18.12
C ASP B 102 17.66 -6.20 18.53
N GLN B 103 17.78 -5.34 17.53
CA GLN B 103 18.00 -3.92 17.74
C GLN B 103 17.55 -3.23 16.48
N ASP B 104 17.50 -1.91 16.52
CA ASP B 104 17.21 -1.10 15.34
C ASP B 104 18.50 -0.51 14.80
N LEU B 105 18.44 0.22 13.69
CA LEU B 105 19.62 0.91 13.18
C LEU B 105 20.14 1.97 14.16
N THR B 106 19.22 2.68 14.84
CA THR B 106 19.59 3.73 15.83
C THR B 106 20.54 3.19 16.89
N THR B 107 20.04 2.27 17.72
CA THR B 107 20.80 1.62 18.80
C THR B 107 22.09 1.02 18.29
N TYR B 108 22.04 0.41 17.12
CA TYR B 108 23.21 -0.17 16.49
C TYR B 108 24.27 0.87 16.15
N LEU B 109 23.85 2.00 15.59
CA LEU B 109 24.76 3.11 15.30
C LEU B 109 25.31 3.70 16.60
N ASP B 110 24.55 3.53 17.68
CA ASP B 110 24.94 4.02 19.00
C ASP B 110 25.93 3.05 19.70
N LYS B 111 25.81 1.76 19.40
CA LYS B 111 26.60 0.72 20.07
C LYS B 111 27.89 0.37 19.35
N VAL B 112 27.91 0.57 18.04
CA VAL B 112 29.05 0.14 17.20
C VAL B 112 30.40 0.74 17.63
N PRO B 113 31.39 -0.11 17.86
CA PRO B 113 32.73 0.34 18.24
C PRO B 113 33.35 1.32 17.23
N GLU B 114 34.33 2.09 17.70
CA GLU B 114 35.07 3.01 16.85
C GLU B 114 35.96 2.22 15.88
N PRO B 115 36.22 2.73 14.68
CA PRO B 115 35.74 4.04 14.22
C PRO B 115 34.42 3.92 13.45
N GLY B 116 33.33 3.61 14.16
CA GLY B 116 32.03 3.42 13.52
C GLY B 116 31.93 2.12 12.76
N VAL B 117 30.87 1.98 11.96
CA VAL B 117 30.59 0.75 11.18
C VAL B 117 31.55 0.57 9.98
N PRO B 118 32.07 -0.65 9.78
CA PRO B 118 32.94 -0.92 8.62
C PRO B 118 32.24 -0.63 7.29
N THR B 119 32.97 0.00 6.38
CA THR B 119 32.46 0.44 5.08
C THR B 119 31.77 -0.70 4.32
N GLU B 120 32.35 -1.89 4.41
CA GLU B 120 31.78 -3.08 3.81
C GLU B 120 30.45 -3.52 4.44
N THR B 121 30.27 -3.22 5.74
CA THR B 121 28.96 -3.37 6.36
C THR B 121 28.05 -2.28 5.81
N ILE B 122 28.53 -1.04 5.83
CA ILE B 122 27.80 0.11 5.27
C ILE B 122 27.22 -0.26 3.92
N LYS B 123 28.04 -0.83 3.05
CA LYS B 123 27.60 -1.20 1.71
C LYS B 123 26.47 -2.25 1.72
N ASP B 124 26.59 -3.22 2.61
CA ASP B 124 25.70 -4.37 2.70
C ASP B 124 24.33 -3.97 3.28
N MET B 125 24.34 -3.25 4.39
CA MET B 125 23.11 -2.73 4.98
C MET B 125 22.34 -1.90 3.95
N MET B 126 23.06 -1.01 3.29
CA MET B 126 22.52 -0.24 2.18
C MET B 126 21.90 -1.13 1.13
N PHE B 127 22.64 -2.17 0.76
CA PHE B 127 22.16 -3.11 -0.25
C PHE B 127 20.82 -3.71 0.17
N GLN B 128 20.83 -4.48 1.26
CA GLN B 128 19.64 -5.12 1.81
C GLN B 128 18.45 -4.17 1.89
N LEU B 129 18.71 -3.01 2.47
CA LEU B 129 17.72 -1.96 2.59
C LEU B 129 17.09 -1.59 1.26
N LEU B 130 17.91 -1.21 0.28
CA LEU B 130 17.41 -0.92 -1.07
C LEU B 130 16.67 -2.11 -1.66
N ARG B 131 17.21 -3.31 -1.43
CA ARG B 131 16.61 -4.55 -1.93
C ARG B 131 15.17 -4.75 -1.44
N GLY B 132 14.96 -4.61 -0.13
CA GLY B 132 13.62 -4.69 0.45
C GLY B 132 12.73 -3.60 -0.11
N LEU B 133 13.31 -2.43 -0.38
CA LEU B 133 12.56 -1.29 -0.90
C LEU B 133 12.04 -1.61 -2.30
N ASP B 134 12.95 -2.10 -3.16
CA ASP B 134 12.67 -2.51 -4.53
C ASP B 134 11.44 -3.37 -4.57
N PHE B 135 11.48 -4.42 -3.75
CA PHE B 135 10.38 -5.34 -3.56
C PHE B 135 9.09 -4.58 -3.35
N LEU B 136 9.04 -3.87 -2.23
CA LEU B 136 7.88 -3.11 -1.78
C LEU B 136 7.29 -2.21 -2.86
N HIS B 137 8.15 -1.46 -3.57
CA HIS B 137 7.71 -0.60 -4.66
C HIS B 137 7.15 -1.40 -5.84
N SER B 138 7.77 -2.53 -6.18
CA SER B 138 7.32 -3.29 -7.33
C SER B 138 5.96 -3.95 -7.07
N HIS B 139 5.48 -3.86 -5.83
CA HIS B 139 4.13 -4.31 -5.50
C HIS B 139 3.25 -3.10 -5.20
N ARG B 140 3.75 -1.93 -5.61
CA ARG B 140 2.99 -0.69 -5.58
C ARG B 140 2.77 -0.21 -4.14
N VAL B 141 3.59 -0.71 -3.22
CA VAL B 141 3.53 -0.25 -1.84
C VAL B 141 4.61 0.81 -1.63
N VAL B 142 4.25 1.92 -1.02
CA VAL B 142 5.25 2.90 -0.61
C VAL B 142 5.26 2.91 0.92
N HIS B 143 6.45 2.75 1.50
CA HIS B 143 6.61 2.73 2.93
C HIS B 143 7.10 4.09 3.29
N ARG B 144 6.17 5.01 3.49
CA ARG B 144 6.50 6.41 3.53
C ARG B 144 6.94 6.90 4.93
N ASP B 145 7.59 6.02 5.69
CA ASP B 145 7.99 6.35 7.07
C ASP B 145 9.34 5.68 7.35
N LEU B 146 10.22 5.79 6.36
CA LEU B 146 11.55 5.24 6.44
C LEU B 146 12.50 6.06 7.31
N LYS B 147 12.80 5.54 8.49
CA LYS B 147 13.76 6.16 9.43
C LYS B 147 14.62 5.10 10.17
N PRO B 148 15.84 5.46 10.60
CA PRO B 148 16.67 4.56 11.40
C PRO B 148 15.97 3.75 12.49
N GLN B 149 14.98 4.33 13.18
CA GLN B 149 14.21 3.58 14.18
C GLN B 149 13.31 2.49 13.61
N ASN B 150 12.94 2.64 12.33
CA ASN B 150 12.10 1.66 11.65
C ASN B 150 12.94 0.59 10.92
N ILE B 151 14.23 0.87 10.71
CA ILE B 151 15.10 -0.09 10.07
C ILE B 151 15.69 -1.00 11.13
N LEU B 152 15.45 -2.29 11.00
CA LEU B 152 15.86 -3.27 12.01
C LEU B 152 17.03 -4.12 11.55
N VAL B 153 17.94 -4.36 12.48
CA VAL B 153 19.14 -5.16 12.26
C VAL B 153 19.09 -6.40 13.13
N THR B 154 19.09 -7.56 12.47
CA THR B 154 19.07 -8.83 13.17
C THR B 154 20.46 -9.16 13.76
N SER B 155 20.56 -10.26 14.51
CA SER B 155 21.85 -10.67 15.13
C SER B 155 22.95 -11.02 14.13
N SER B 156 22.57 -11.68 13.05
CA SER B 156 23.47 -11.92 11.90
C SER B 156 23.67 -10.65 11.04
N GLY B 157 23.14 -9.52 11.49
CA GLY B 157 23.31 -8.25 10.79
C GLY B 157 22.47 -8.15 9.52
N GLN B 158 21.24 -8.66 9.58
CA GLN B 158 20.29 -8.56 8.48
C GLN B 158 19.30 -7.40 8.66
N ILE B 159 18.80 -6.87 7.54
CA ILE B 159 17.91 -5.69 7.51
C ILE B 159 16.43 -6.02 7.39
N LYS B 160 15.61 -5.45 8.27
CA LYS B 160 14.18 -5.58 8.14
C LYS B 160 13.59 -4.20 8.21
N LEU B 161 12.78 -3.85 7.22
CA LEU B 161 11.93 -2.65 7.30
C LEU B 161 10.78 -2.93 8.27
N ALA B 162 10.52 -2.00 9.20
CA ALA B 162 9.46 -2.20 10.17
C ALA B 162 8.47 -1.05 10.19
N ASP B 163 7.51 -1.10 11.13
CA ASP B 163 6.38 -0.18 11.21
C ASP B 163 5.82 0.18 9.83
N PHE B 164 4.82 -0.58 9.40
CA PHE B 164 4.16 -0.35 8.10
C PHE B 164 2.86 0.45 8.21
N GLY B 165 2.72 1.18 9.31
CA GLY B 165 1.44 1.84 9.63
C GLY B 165 1.15 3.10 8.85
N LEU B 166 2.08 3.50 7.98
CA LEU B 166 1.90 4.68 7.15
C LEU B 166 2.12 4.29 5.68
N ALA B 167 2.27 2.98 5.45
CA ALA B 167 2.51 2.44 4.11
C ALA B 167 1.18 2.33 3.45
N ARG B 168 1.14 2.51 2.14
CA ARG B 168 -0.09 2.25 1.40
C ARG B 168 0.18 1.95 -0.07
N ILE B 169 -0.74 1.20 -0.68
CA ILE B 169 -0.70 0.89 -2.10
C ILE B 169 -1.00 2.12 -2.92
N TYR B 170 -0.11 2.45 -3.85
CA TYR B 170 -0.27 3.67 -4.65
C TYR B 170 -0.93 3.45 -5.97
N SER B 171 -1.93 4.29 -6.22
CA SER B 171 -2.64 4.29 -7.48
C SER B 171 -2.77 5.72 -7.96
N PHE B 172 -2.54 5.88 -9.25
CA PHE B 172 -2.77 7.09 -9.98
C PHE B 172 -4.03 7.80 -9.51
N GLN B 173 -3.89 9.11 -9.45
CA GLN B 173 -4.96 10.01 -9.08
C GLN B 173 -5.55 9.75 -7.72
N MET B 174 -4.92 8.95 -6.87
CA MET B 174 -5.44 8.78 -5.51
C MET B 174 -5.22 10.03 -4.63
N ALA B 175 -6.06 10.21 -3.61
CA ALA B 175 -5.94 11.31 -2.67
C ALA B 175 -4.78 11.05 -1.72
N LEU B 176 -4.11 12.13 -1.27
CA LEU B 176 -2.94 12.05 -0.38
C LEU B 176 -3.08 12.97 0.83
N THR B 177 -2.68 12.48 2.01
CA THR B 177 -2.42 13.40 3.14
C THR B 177 -1.11 14.14 2.87
N SER B 178 -1.16 15.46 3.09
CA SER B 178 0.01 16.30 2.96
C SER B 178 1.06 16.01 4.05
N VAL B 179 0.76 15.06 4.94
CA VAL B 179 1.53 14.81 6.21
C VAL B 179 2.07 13.37 6.43
N VAL B 180 3.31 13.15 6.01
CA VAL B 180 3.91 11.83 5.89
C VAL B 180 5.43 11.97 6.18
N VAL B 181 6.11 10.88 6.57
CA VAL B 181 7.54 10.85 7.05
C VAL B 181 7.81 11.80 8.23
N THR B 182 8.67 11.38 9.17
CA THR B 182 9.07 12.25 10.30
C THR B 182 9.97 13.39 9.80
N LEU B 183 10.01 14.49 10.54
CA LEU B 183 10.70 15.72 10.10
C LEU B 183 12.07 15.54 9.40
N TRP B 184 13.02 14.88 10.07
CA TRP B 184 14.41 14.78 9.60
C TRP B 184 14.57 14.14 8.24
N TYR B 185 13.71 13.16 7.93
CA TYR B 185 13.85 12.30 6.76
C TYR B 185 12.78 12.56 5.69
N ARG B 186 12.06 13.68 5.84
CA ARG B 186 11.09 14.15 4.85
C ARG B 186 11.78 14.66 3.59
N ALA B 187 11.07 14.57 2.46
CA ALA B 187 11.58 15.06 1.18
C ALA B 187 11.05 16.46 0.80
N PRO B 188 11.84 17.22 0.04
CA PRO B 188 11.41 18.52 -0.43
C PRO B 188 9.99 18.54 -1.01
N GLU B 189 9.58 17.52 -1.75
CA GLU B 189 8.22 17.53 -2.34
C GLU B 189 7.14 17.56 -1.26
N VAL B 190 7.34 16.79 -0.20
CA VAL B 190 6.42 16.77 0.92
C VAL B 190 6.45 18.12 1.62
N LEU B 191 7.66 18.62 1.91
CA LEU B 191 7.80 19.94 2.56
C LEU B 191 7.11 21.05 1.79
N LEU B 192 7.27 21.02 0.47
CA LEU B 192 6.67 22.02 -0.39
C LEU B 192 5.17 21.82 -0.56
N GLN B 193 4.60 20.88 0.20
CA GLN B 193 3.17 20.53 0.13
C GLN B 193 2.75 20.06 -1.26
N SER B 194 3.68 19.35 -1.89
CA SER B 194 3.48 18.92 -3.25
C SER B 194 2.99 17.50 -3.23
N SER B 195 2.60 17.03 -4.41
CA SER B 195 2.20 15.64 -4.62
C SER B 195 3.46 14.78 -4.57
N TYR B 196 3.35 13.53 -4.13
CA TYR B 196 4.54 12.66 -3.93
C TYR B 196 4.26 11.15 -4.07
N ALA B 197 5.31 10.32 -4.02
CA ALA B 197 5.16 8.86 -4.21
C ALA B 197 6.33 8.02 -3.63
N THR B 198 6.85 7.11 -4.47
CA THR B 198 8.02 6.31 -4.09
C THR B 198 9.29 7.12 -3.85
N PRO B 199 9.61 8.14 -4.66
CA PRO B 199 10.93 8.76 -4.57
C PRO B 199 11.17 9.21 -3.13
N VAL B 200 10.06 9.45 -2.44
CA VAL B 200 10.02 9.77 -1.03
C VAL B 200 10.85 8.77 -0.20
N ASP B 201 10.68 7.47 -0.44
CA ASP B 201 11.47 6.44 0.26
C ASP B 201 12.96 6.53 -0.01
N LEU B 202 13.32 6.88 -1.23
CA LEU B 202 14.70 6.95 -1.61
C LEU B 202 15.39 8.16 -1.05
N TRP B 203 14.64 9.25 -0.92
CA TRP B 203 15.16 10.43 -0.23
C TRP B 203 15.60 10.01 1.16
N SER B 204 14.69 9.38 1.89
CA SER B 204 15.00 8.83 3.20
C SER B 204 16.25 7.97 3.16
N VAL B 205 16.33 7.04 2.21
CA VAL B 205 17.53 6.19 2.08
C VAL B 205 18.78 7.02 1.76
N GLY B 206 18.61 8.14 1.07
CA GLY B 206 19.70 9.10 0.89
C GLY B 206 20.18 9.62 2.23
N CYS B 207 19.24 10.16 3.00
CA CYS B 207 19.50 10.61 4.36
C CYS B 207 20.12 9.53 5.23
N ILE B 208 19.60 8.31 5.14
CA ILE B 208 20.10 7.24 5.99
C ILE B 208 21.52 6.81 5.61
N PHE B 209 21.70 6.44 4.34
CA PHE B 209 23.02 6.26 3.75
C PHE B 209 24.05 7.15 4.46
N ALA B 210 23.79 8.46 4.49
CA ALA B 210 24.69 9.44 5.11
C ALA B 210 24.83 9.26 6.61
N GLU B 211 23.72 8.95 7.28
CA GLU B 211 23.70 8.82 8.72
C GLU B 211 24.52 7.63 9.14
N MET B 212 24.73 6.72 8.20
CA MET B 212 25.61 5.57 8.43
C MET B 212 27.08 6.00 8.57
N PHE B 213 27.64 6.60 7.52
CA PHE B 213 29.01 7.13 7.55
C PHE B 213 29.20 8.08 8.73
N ARG B 214 28.50 9.21 8.70
CA ARG B 214 28.49 10.16 9.81
C ARG B 214 27.41 9.70 10.78
N ARG B 215 27.81 9.07 11.89
CA ARG B 215 26.85 8.49 12.84
C ARG B 215 26.06 9.59 13.55
N LYS B 216 25.44 10.46 12.75
CA LYS B 216 24.60 11.56 13.21
C LYS B 216 23.65 11.96 12.08
N PRO B 217 22.36 12.18 12.38
CA PRO B 217 21.39 12.61 11.36
C PRO B 217 21.86 13.85 10.59
N LEU B 218 21.68 13.84 9.28
CA LEU B 218 22.23 14.89 8.43
C LEU B 218 21.39 16.16 8.43
N PHE B 219 20.09 16.00 8.17
CA PHE B 219 19.16 17.13 8.13
C PHE B 219 18.30 17.18 9.39
N ARG B 220 18.73 17.98 10.36
CA ARG B 220 18.06 18.06 11.66
C ARG B 220 17.33 19.39 11.78
N GLY B 221 16.09 19.42 11.33
CA GLY B 221 15.32 20.66 11.32
C GLY B 221 14.50 20.85 12.57
N SER B 222 13.56 21.78 12.53
CA SER B 222 12.70 22.09 13.68
C SER B 222 11.31 22.58 13.23
N SER B 223 11.29 23.34 12.14
CA SER B 223 10.06 23.68 11.43
C SER B 223 10.18 22.99 10.08
N ASP B 224 9.13 23.07 9.26
CA ASP B 224 9.20 22.50 7.91
C ASP B 224 10.07 23.41 7.06
N VAL B 225 9.90 24.73 7.25
CA VAL B 225 10.62 25.74 6.48
C VAL B 225 12.11 25.68 6.74
N ASP B 226 12.45 25.45 8.02
CA ASP B 226 13.84 25.29 8.42
C ASP B 226 14.34 23.93 7.93
N GLN B 227 13.51 22.91 8.12
CA GLN B 227 13.86 21.59 7.61
C GLN B 227 14.22 21.67 6.13
N LEU B 228 13.54 22.55 5.40
CA LEU B 228 13.79 22.70 3.97
C LEU B 228 15.12 23.42 3.70
N GLY B 229 15.32 24.55 4.38
CA GLY B 229 16.55 25.32 4.26
C GLY B 229 17.76 24.44 4.57
N LYS B 230 17.73 23.79 5.73
CA LYS B 230 18.75 22.81 6.11
C LYS B 230 19.16 21.95 4.91
N ILE B 231 18.19 21.31 4.27
CA ILE B 231 18.43 20.54 3.06
C ILE B 231 19.07 21.41 1.97
N LEU B 232 18.39 22.50 1.60
CA LEU B 232 18.89 23.39 0.55
C LEU B 232 20.26 24.00 0.85
N ASP B 233 20.59 24.13 2.14
CA ASP B 233 21.92 24.57 2.57
C ASP B 233 22.99 23.64 2.01
N VAL B 234 22.67 22.35 1.98
CA VAL B 234 23.57 21.33 1.48
C VAL B 234 23.41 21.17 -0.04
N ILE B 235 22.30 20.58 -0.45
CA ILE B 235 22.03 20.16 -1.84
C ILE B 235 22.02 21.30 -2.90
N GLY B 236 21.79 22.53 -2.46
CA GLY B 236 21.84 23.72 -3.32
C GLY B 236 20.53 24.01 -4.03
N LEU B 237 20.34 25.28 -4.40
CA LEU B 237 19.13 25.72 -5.11
C LEU B 237 19.17 25.26 -6.57
N PRO B 238 18.16 24.50 -7.00
CA PRO B 238 18.06 24.06 -8.39
C PRO B 238 17.33 25.09 -9.28
N GLY B 239 17.20 24.79 -10.58
CA GLY B 239 16.59 25.72 -11.54
C GLY B 239 15.08 25.85 -11.49
N GLU B 240 14.54 26.70 -12.36
CA GLU B 240 13.09 26.87 -12.54
C GLU B 240 12.45 25.56 -13.01
N GLU B 241 13.23 24.82 -13.81
CA GLU B 241 12.87 23.50 -14.32
C GLU B 241 12.52 22.48 -13.23
N ASP B 242 13.34 22.44 -12.17
CA ASP B 242 13.19 21.44 -11.07
C ASP B 242 12.19 21.81 -9.96
N TRP B 243 11.75 23.07 -9.96
CA TRP B 243 10.78 23.56 -8.97
C TRP B 243 9.36 23.49 -9.54
N PRO B 244 8.49 22.67 -8.92
CA PRO B 244 7.10 22.52 -9.40
C PRO B 244 6.24 23.74 -9.05
N ALA B 259 25.31 25.95 -3.47
CA ALA B 259 25.41 24.67 -2.76
C ALA B 259 26.65 24.59 -1.87
N GLN B 260 27.09 23.35 -1.61
CA GLN B 260 28.29 23.04 -0.84
C GLN B 260 28.66 21.57 -1.09
N PRO B 261 29.95 21.28 -1.28
CA PRO B 261 30.39 19.91 -1.62
C PRO B 261 30.09 18.92 -0.49
N ILE B 262 29.30 17.89 -0.81
CA ILE B 262 28.81 16.91 0.20
C ILE B 262 29.87 16.37 1.18
N GLU B 263 31.06 16.06 0.67
CA GLU B 263 32.11 15.35 1.43
C GLU B 263 32.42 16.02 2.77
N LYS B 264 32.10 17.31 2.84
CA LYS B 264 32.19 18.10 4.06
C LYS B 264 31.25 17.51 5.12
N PHE B 265 30.00 17.32 4.73
CA PHE B 265 29.00 16.77 5.62
C PHE B 265 29.10 15.25 5.74
N VAL B 266 29.78 14.63 4.78
CA VAL B 266 29.91 13.17 4.79
C VAL B 266 31.35 12.73 4.48
N THR B 267 32.23 12.94 5.44
CA THR B 267 33.60 12.47 5.31
C THR B 267 33.62 10.96 5.52
N ASP B 268 34.71 10.33 5.08
CA ASP B 268 34.85 8.87 5.12
C ASP B 268 34.00 8.17 4.08
N ILE B 269 33.57 8.89 3.06
CA ILE B 269 32.79 8.30 1.96
C ILE B 269 33.61 8.16 0.66
N ASP B 270 33.40 7.02 0.00
CA ASP B 270 34.05 6.69 -1.27
C ASP B 270 33.40 7.48 -2.41
N GLU B 271 34.13 7.65 -3.51
CA GLU B 271 33.64 8.41 -4.66
C GLU B 271 32.34 7.85 -5.25
N LEU B 272 32.23 6.53 -5.31
CA LEU B 272 31.01 5.91 -5.83
C LEU B 272 29.87 5.92 -4.82
N GLY B 273 30.21 5.92 -3.53
CA GLY B 273 29.22 6.08 -2.47
C GLY B 273 28.56 7.45 -2.57
N LYS B 274 29.40 8.44 -2.89
CA LYS B 274 28.97 9.83 -3.09
C LYS B 274 27.97 9.93 -4.24
N ASP B 275 28.30 9.37 -5.40
CA ASP B 275 27.44 9.52 -6.57
C ASP B 275 26.06 8.90 -6.33
N LEU B 276 26.07 7.74 -5.70
CA LEU B 276 24.83 7.13 -5.27
C LEU B 276 24.11 8.04 -4.28
N LEU B 277 24.82 8.51 -3.26
CA LEU B 277 24.20 9.40 -2.25
C LEU B 277 23.54 10.67 -2.81
N LEU B 278 24.19 11.31 -3.79
CA LEU B 278 23.59 12.47 -4.48
C LEU B 278 22.36 12.04 -5.28
N LYS B 279 22.49 10.91 -5.98
CA LYS B 279 21.43 10.34 -6.80
C LYS B 279 20.13 10.11 -6.02
N CYS B 280 20.22 9.75 -4.74
CA CYS B 280 19.03 9.69 -3.87
C CYS B 280 18.64 11.04 -3.35
N LEU B 281 19.60 11.95 -3.26
CA LEU B 281 19.32 13.27 -2.67
C LEU B 281 19.20 14.31 -3.79
N THR B 282 18.44 13.92 -4.82
CA THR B 282 18.12 14.79 -5.93
C THR B 282 16.85 15.53 -5.57
N PHE B 283 16.87 16.85 -5.73
CA PHE B 283 15.71 17.69 -5.41
C PHE B 283 14.46 17.23 -6.18
N ASN B 284 14.54 17.34 -7.50
CA ASN B 284 13.45 16.89 -8.33
C ASN B 284 13.27 15.43 -8.04
N PRO B 285 12.02 15.02 -7.85
CA PRO B 285 11.76 13.63 -7.56
C PRO B 285 11.88 12.81 -8.84
N ALA B 286 11.30 13.31 -9.93
CA ALA B 286 11.32 12.59 -11.20
C ALA B 286 12.75 12.38 -11.77
N LYS B 287 13.74 12.95 -11.09
CA LYS B 287 15.14 12.82 -11.44
C LYS B 287 15.81 11.89 -10.46
N ARG B 288 15.31 11.87 -9.22
CA ARG B 288 15.88 11.04 -8.17
C ARG B 288 15.93 9.57 -8.60
N ILE B 289 17.05 8.90 -8.33
CA ILE B 289 17.21 7.50 -8.73
C ILE B 289 16.16 6.57 -8.06
N SER B 290 15.83 5.47 -8.75
CA SER B 290 14.95 4.44 -8.21
C SER B 290 15.77 3.33 -7.51
N ALA B 291 15.12 2.56 -6.63
CA ALA B 291 15.77 1.39 -5.99
C ALA B 291 16.43 0.44 -7.01
N TYR B 292 15.66 -0.02 -7.99
CA TYR B 292 16.15 -0.90 -9.04
C TYR B 292 17.41 -0.40 -9.71
N SER B 293 17.41 0.85 -10.17
CA SER B 293 18.62 1.39 -10.80
C SER B 293 19.68 1.64 -9.74
N ALA B 294 19.24 2.04 -8.54
CA ALA B 294 20.16 2.20 -7.41
C ALA B 294 20.80 0.87 -7.04
N LEU B 295 20.01 -0.19 -6.97
CA LEU B 295 20.56 -1.53 -6.69
C LEU B 295 21.67 -1.90 -7.68
N SER B 296 21.64 -1.31 -8.87
CA SER B 296 22.63 -1.57 -9.92
C SER B 296 23.73 -0.52 -10.06
N HIS B 297 23.62 0.59 -9.33
CA HIS B 297 24.65 1.62 -9.36
C HIS B 297 26.00 1.02 -8.95
N PRO B 298 27.05 1.31 -9.74
CA PRO B 298 28.44 0.87 -9.50
C PRO B 298 29.05 0.87 -8.08
N TYR B 299 28.33 1.42 -7.10
CA TYR B 299 28.76 1.37 -5.69
C TYR B 299 28.67 -0.05 -5.13
N PHE B 300 27.88 -0.89 -5.78
CA PHE B 300 27.44 -2.18 -5.22
C PHE B 300 28.11 -3.41 -5.79
N GLN B 301 28.95 -3.22 -6.80
CA GLN B 301 29.61 -4.32 -7.48
C GLN B 301 30.36 -5.24 -6.52
N ASP B 302 31.03 -4.65 -5.52
CA ASP B 302 31.89 -5.37 -4.58
C ASP B 302 31.20 -6.42 -3.71
N LEU B 303 29.91 -6.22 -3.45
CA LEU B 303 29.14 -7.00 -2.48
C LEU B 303 29.00 -8.53 -2.71
N GLU B 304 27.74 -9.01 -2.66
CA GLU B 304 27.39 -10.42 -2.84
C GLU B 304 28.03 -10.99 -4.10
N ARG B 305 28.48 -10.08 -4.98
CA ARG B 305 29.14 -10.41 -6.25
C ARG B 305 28.30 -11.38 -7.10
#